data_5WBH
#
_entry.id   5WBH
#
_cell.length_a   60.613
_cell.length_b   80.944
_cell.length_c   134.848
_cell.angle_alpha   90.000
_cell.angle_beta   90.000
_cell.angle_gamma   90.000
#
_symmetry.space_group_name_H-M   'P 2 21 21'
#
loop_
_entity.id
_entity.type
_entity.pdbx_description
1 polymer 'Serine/threonine-protein kinase mTOR'
2 polymer 'Ribosomal protein S6 kinase beta-1'
3 water water
#
loop_
_entity_poly.entity_id
_entity_poly.type
_entity_poly.pdbx_seq_one_letter_code
_entity_poly.pdbx_strand_id
1 'polypeptide(L)'
;GSRVAILWHEMWHEGLEEASRLYFGERNVKGMFEVLEPLHAMMERGPQTLKETSFNQAYGRDLMEAQEWCRKYMKSGNVK
DLTQAWDLYYHVFRRISKQSGG
;
A,B,C,D,E
2 'polypeptide(L)' TYVAPSVLESVKEKFSFEPKIRSPRR W
#
# COMPACT_ATOMS: atom_id res chain seq x y z
N LEU A 7 -30.53 -11.56 -2.93
CA LEU A 7 -29.39 -12.32 -3.51
C LEU A 7 -28.11 -12.15 -2.70
N TRP A 8 -27.84 -10.93 -2.20
CA TRP A 8 -26.72 -10.71 -1.28
C TRP A 8 -26.85 -11.58 -0.03
N HIS A 9 -28.04 -11.62 0.56
CA HIS A 9 -28.28 -12.50 1.71
C HIS A 9 -28.08 -13.98 1.36
N GLU A 10 -28.50 -14.40 0.16
CA GLU A 10 -28.29 -15.77 -0.31
C GLU A 10 -26.83 -16.08 -0.61
N MET A 11 -26.13 -15.15 -1.25
CA MET A 11 -24.71 -15.33 -1.58
C MET A 11 -23.85 -15.46 -0.33
N TRP A 12 -24.07 -14.59 0.64
CA TRP A 12 -23.34 -14.64 1.92
C TRP A 12 -23.70 -15.87 2.77
N HIS A 13 -24.97 -16.24 2.82
CA HIS A 13 -25.40 -17.41 3.60
C HIS A 13 -24.70 -18.67 3.08
N GLU A 14 -24.80 -18.91 1.77
CA GLU A 14 -24.14 -20.05 1.13
C GLU A 14 -22.61 -19.98 1.17
N GLY A 15 -22.07 -18.78 0.95
CA GLY A 15 -20.63 -18.57 0.93
C GLY A 15 -19.98 -18.77 2.29
N LEU A 16 -20.60 -18.23 3.34
CA LEU A 16 -20.09 -18.40 4.71
C LEU A 16 -20.12 -19.86 5.15
N GLU A 17 -21.16 -20.59 4.75
CA GLU A 17 -21.27 -22.02 5.02
C GLU A 17 -20.13 -22.81 4.36
N GLU A 18 -19.92 -22.56 3.07
CA GLU A 18 -18.85 -23.26 2.33
C GLU A 18 -17.46 -22.87 2.82
N ALA A 19 -17.26 -21.57 3.08
CA ALA A 19 -16.01 -21.09 3.65
C ALA A 19 -15.70 -21.75 5.00
N SER A 20 -16.73 -21.91 5.86
CA SER A 20 -16.55 -22.55 7.16
C SER A 20 -16.22 -24.03 7.04
N ARG A 21 -16.82 -24.70 6.06
CA ARG A 21 -16.50 -26.11 5.77
C ARG A 21 -15.04 -26.25 5.36
N LEU A 22 -14.56 -25.33 4.53
CA LEU A 22 -13.15 -25.37 4.08
C LEU A 22 -12.18 -25.10 5.24
N TYR A 23 -12.52 -24.15 6.11
CA TYR A 23 -11.68 -23.81 7.25
C TYR A 23 -11.74 -24.87 8.34
N PHE A 24 -12.92 -25.10 8.90
CA PHE A 24 -13.07 -26.02 10.04
C PHE A 24 -13.04 -27.49 9.63
N GLY A 25 -13.58 -27.81 8.45
CA GLY A 25 -13.65 -29.19 7.99
C GLY A 25 -12.36 -29.68 7.34
N GLU A 26 -11.83 -28.88 6.42
CA GLU A 26 -10.67 -29.29 5.61
C GLU A 26 -9.35 -28.67 6.05
N ARG A 27 -9.40 -27.71 6.98
CA ARG A 27 -8.21 -26.99 7.45
C ARG A 27 -7.50 -26.31 6.30
N ASN A 28 -8.29 -25.64 5.45
CA ASN A 28 -7.82 -25.08 4.20
C ASN A 28 -8.16 -23.59 4.16
N VAL A 29 -7.22 -22.77 4.62
CA VAL A 29 -7.38 -21.32 4.67
C VAL A 29 -7.42 -20.71 3.27
N LYS A 30 -6.55 -21.16 2.38
CA LYS A 30 -6.57 -20.72 0.98
C LYS A 30 -7.98 -20.84 0.37
N GLY A 31 -8.58 -22.01 0.53
CA GLY A 31 -9.93 -22.28 0.03
C GLY A 31 -10.98 -21.39 0.65
N MET A 32 -10.87 -21.17 1.96
CA MET A 32 -11.74 -20.24 2.67
C MET A 32 -11.69 -18.84 2.07
N PHE A 33 -10.48 -18.33 1.87
CA PHE A 33 -10.27 -16.98 1.33
C PHE A 33 -10.76 -16.86 -0.12
N GLU A 34 -10.60 -17.92 -0.91
CA GLU A 34 -11.10 -17.95 -2.28
C GLU A 34 -12.62 -17.77 -2.37
N VAL A 35 -13.34 -18.31 -1.39
CA VAL A 35 -14.79 -18.17 -1.32
C VAL A 35 -15.16 -16.76 -0.86
N LEU A 36 -14.51 -16.27 0.18
CA LEU A 36 -14.88 -15.00 0.82
C LEU A 36 -14.44 -13.75 0.05
N GLU A 37 -13.25 -13.81 -0.58
CA GLU A 37 -12.68 -12.64 -1.29
C GLU A 37 -13.65 -12.00 -2.30
N PRO A 38 -14.22 -12.79 -3.23
CA PRO A 38 -15.17 -12.22 -4.19
C PRO A 38 -16.40 -11.59 -3.54
N LEU A 39 -16.84 -12.14 -2.41
CA LEU A 39 -18.01 -11.61 -1.69
C LEU A 39 -17.71 -10.28 -1.01
N HIS A 40 -16.56 -10.16 -0.36
CA HIS A 40 -16.10 -8.88 0.15
C HIS A 40 -15.86 -7.85 -0.97
N ALA A 41 -15.33 -8.32 -2.10
CA ALA A 41 -15.07 -7.46 -3.25
C ALA A 41 -16.36 -6.84 -3.81
N MET A 42 -17.45 -7.61 -3.85
CA MET A 42 -18.74 -7.09 -4.32
C MET A 42 -19.34 -6.08 -3.34
N MET A 43 -19.09 -6.25 -2.04
CA MET A 43 -19.50 -5.26 -1.03
C MET A 43 -18.75 -3.94 -1.24
N GLU A 44 -17.44 -4.02 -1.48
CA GLU A 44 -16.60 -2.82 -1.68
C GLU A 44 -17.06 -1.95 -2.87
N ARG A 45 -17.51 -2.59 -3.93
CA ARG A 45 -18.02 -1.89 -5.11
C ARG A 45 -19.31 -1.12 -4.79
N GLY A 46 -20.09 -1.65 -3.84
CA GLY A 46 -21.23 -0.95 -3.26
C GLY A 46 -22.55 -1.56 -3.71
N PRO A 47 -23.62 -1.33 -2.94
CA PRO A 47 -24.93 -1.86 -3.32
C PRO A 47 -25.53 -1.17 -4.53
N GLN A 48 -26.19 -1.94 -5.37
CA GLN A 48 -26.83 -1.45 -6.60
C GLN A 48 -28.35 -1.40 -6.54
N THR A 49 -28.96 -2.00 -5.51
CA THR A 49 -30.41 -2.08 -5.38
C THR A 49 -30.83 -1.77 -3.94
N LEU A 50 -32.14 -1.62 -3.74
CA LEU A 50 -32.72 -1.37 -2.40
C LEU A 50 -32.40 -2.50 -1.43
N LYS A 51 -32.57 -3.74 -1.88
CA LYS A 51 -32.29 -4.90 -1.03
C LYS A 51 -30.81 -5.02 -0.65
N GLU A 52 -29.91 -4.74 -1.60
CA GLU A 52 -28.47 -4.75 -1.32
C GLU A 52 -28.11 -3.65 -0.33
N THR A 53 -28.75 -2.49 -0.47
CA THR A 53 -28.54 -1.35 0.43
C THR A 53 -29.02 -1.68 1.85
N SER A 54 -30.18 -2.34 1.95
CA SER A 54 -30.70 -2.82 3.24
C SER A 54 -29.78 -3.85 3.88
N PHE A 55 -29.28 -4.79 3.06
CA PHE A 55 -28.30 -5.77 3.54
C PHE A 55 -27.05 -5.09 4.10
N ASN A 56 -26.51 -4.16 3.32
CA ASN A 56 -25.33 -3.39 3.71
C ASN A 56 -25.55 -2.63 5.03
N GLN A 57 -26.74 -2.03 5.17
CA GLN A 57 -27.14 -1.36 6.42
C GLN A 57 -27.06 -2.30 7.63
N ALA A 58 -27.59 -3.50 7.49
CA ALA A 58 -27.65 -4.46 8.60
C ALA A 58 -26.30 -5.13 8.90
N TYR A 59 -25.55 -5.48 7.85
CA TYR A 59 -24.38 -6.36 8.00
C TYR A 59 -23.04 -5.84 7.50
N GLY A 60 -23.03 -4.69 6.84
CA GLY A 60 -21.82 -4.20 6.16
C GLY A 60 -20.62 -3.98 7.06
N ARG A 61 -20.87 -3.30 8.18
CA ARG A 61 -19.83 -2.99 9.15
C ARG A 61 -19.18 -4.26 9.73
N ASP A 62 -20.01 -5.22 10.12
CA ASP A 62 -19.53 -6.47 10.69
C ASP A 62 -18.71 -7.30 9.69
N LEU A 63 -19.19 -7.37 8.45
CA LEU A 63 -18.45 -8.07 7.39
C LEU A 63 -17.13 -7.40 7.07
N MET A 64 -17.10 -6.07 7.05
CA MET A 64 -15.84 -5.34 6.86
C MET A 64 -14.85 -5.61 7.97
N GLU A 65 -15.33 -5.66 9.22
CA GLU A 65 -14.44 -5.99 10.34
C GLU A 65 -13.94 -7.43 10.24
N ALA A 66 -14.80 -8.36 9.79
CA ALA A 66 -14.36 -9.74 9.56
C ALA A 66 -13.22 -9.79 8.52
N GLN A 67 -13.34 -9.00 7.45
CA GLN A 67 -12.30 -8.91 6.44
C GLN A 67 -10.99 -8.34 7.01
N GLU A 68 -11.08 -7.34 7.88
CA GLU A 68 -9.87 -6.75 8.47
C GLU A 68 -9.11 -7.78 9.35
N TRP A 69 -9.84 -8.65 10.06
CA TRP A 69 -9.20 -9.74 10.83
C TRP A 69 -8.54 -10.77 9.90
N CYS A 70 -9.17 -11.07 8.77
CA CYS A 70 -8.54 -11.93 7.75
C CYS A 70 -7.30 -11.29 7.15
N ARG A 71 -7.37 -9.99 6.89
CA ARG A 71 -6.20 -9.25 6.40
C ARG A 71 -5.08 -9.20 7.44
N LYS A 72 -5.45 -9.09 8.72
CA LYS A 72 -4.48 -9.21 9.82
C LYS A 72 -3.81 -10.60 9.81
N TYR A 73 -4.58 -11.66 9.58
CA TYR A 73 -4.01 -13.01 9.46
C TYR A 73 -2.99 -13.11 8.33
N MET A 74 -3.29 -12.50 7.19
CA MET A 74 -2.37 -12.52 6.04
C MET A 74 -0.98 -11.95 6.39
N LYS A 75 -0.93 -11.04 7.36
CA LYS A 75 0.32 -10.48 7.88
C LYS A 75 0.90 -11.24 9.07
N SER A 76 0.05 -11.75 9.96
CA SER A 76 0.51 -12.36 11.22
C SER A 76 0.75 -13.87 11.15
N GLY A 77 -0.01 -14.57 10.32
CA GLY A 77 -0.05 -16.04 10.34
C GLY A 77 -0.69 -16.64 11.57
N ASN A 78 -1.34 -15.81 12.38
CA ASN A 78 -1.82 -16.22 13.69
C ASN A 78 -3.28 -16.63 13.58
N VAL A 79 -3.55 -17.91 13.82
CA VAL A 79 -4.91 -18.47 13.74
C VAL A 79 -5.95 -17.72 14.60
N LYS A 80 -5.51 -17.19 15.75
CA LYS A 80 -6.33 -16.34 16.62
C LYS A 80 -7.08 -15.22 15.86
N ASP A 81 -6.41 -14.61 14.88
CA ASP A 81 -7.04 -13.57 14.04
C ASP A 81 -8.20 -14.12 13.20
N LEU A 82 -8.08 -15.36 12.72
CA LEU A 82 -9.20 -16.04 12.05
C LEU A 82 -10.36 -16.40 12.99
N THR A 83 -10.04 -16.74 14.24
CA THR A 83 -11.06 -16.95 15.26
C THR A 83 -11.94 -15.70 15.44
N GLN A 84 -11.30 -14.52 15.49
CA GLN A 84 -12.04 -13.24 15.57
C GLN A 84 -12.91 -13.03 14.33
N ALA A 85 -12.35 -13.29 13.15
CA ALA A 85 -13.12 -13.20 11.89
C ALA A 85 -14.37 -14.09 11.93
N TRP A 86 -14.20 -15.33 12.37
CA TRP A 86 -15.31 -16.30 12.40
C TRP A 86 -16.43 -16.01 13.41
N ASP A 87 -16.10 -15.35 14.53
CA ASP A 87 -17.14 -14.86 15.45
C ASP A 87 -18.06 -13.85 14.77
N LEU A 88 -17.46 -12.91 14.05
CA LEU A 88 -18.22 -11.92 13.29
C LEU A 88 -19.00 -12.56 12.13
N TYR A 89 -18.35 -13.41 11.36
CA TYR A 89 -19.03 -14.11 10.26
C TYR A 89 -20.21 -14.95 10.75
N TYR A 90 -20.03 -15.64 11.88
CA TYR A 90 -21.08 -16.50 12.43
C TYR A 90 -22.26 -15.67 12.93
N HIS A 91 -21.97 -14.52 13.56
CA HIS A 91 -23.00 -13.58 14.00
C HIS A 91 -23.84 -13.09 12.81
N VAL A 92 -23.17 -12.75 11.72
CA VAL A 92 -23.87 -12.37 10.48
C VAL A 92 -24.69 -13.54 9.94
N PHE A 93 -24.08 -14.74 9.92
CA PHE A 93 -24.77 -15.95 9.44
C PHE A 93 -26.07 -16.24 10.21
N ARG A 94 -25.99 -16.17 11.53
CA ARG A 94 -27.15 -16.39 12.41
C ARG A 94 -28.29 -15.42 12.13
N ARG A 95 -27.95 -14.15 11.96
CA ARG A 95 -28.96 -13.11 11.68
C ARG A 95 -29.62 -13.26 10.31
N ILE A 96 -28.85 -13.66 9.30
CA ILE A 96 -29.40 -13.94 7.96
C ILE A 96 -30.37 -15.13 8.02
N SER A 97 -30.03 -16.16 8.79
CA SER A 97 -30.93 -17.30 9.01
C SER A 97 -32.26 -16.91 9.67
N LYS A 98 -32.24 -15.94 10.59
CA LYS A 98 -33.45 -15.38 11.21
C LYS A 98 -34.14 -14.38 10.29
N LEU B 7 -15.02 21.98 -17.61
CA LEU B 7 -15.95 23.02 -17.11
C LEU B 7 -16.72 22.51 -15.88
N TRP B 8 -16.23 22.91 -14.71
CA TRP B 8 -16.69 22.38 -13.42
C TRP B 8 -18.19 22.53 -13.17
N HIS B 9 -18.73 23.70 -13.52
CA HIS B 9 -20.15 24.03 -13.34
C HIS B 9 -21.05 23.03 -14.08
N GLU B 10 -20.76 22.81 -15.36
CA GLU B 10 -21.55 21.89 -16.19
C GLU B 10 -21.33 20.43 -15.80
N MET B 11 -20.11 20.07 -15.42
CA MET B 11 -19.80 18.70 -15.02
C MET B 11 -20.52 18.31 -13.73
N TRP B 12 -20.55 19.22 -12.74
CA TRP B 12 -21.26 18.96 -11.50
C TRP B 12 -22.78 18.91 -11.70
N HIS B 13 -23.32 19.80 -12.54
CA HIS B 13 -24.75 19.80 -12.81
C HIS B 13 -25.22 18.48 -13.42
N GLU B 14 -24.54 18.00 -14.46
CA GLU B 14 -24.95 16.73 -15.09
C GLU B 14 -24.65 15.53 -14.19
N GLY B 15 -23.56 15.59 -13.43
CA GLY B 15 -23.24 14.56 -12.44
C GLY B 15 -24.26 14.44 -11.31
N LEU B 16 -24.65 15.57 -10.75
CA LEU B 16 -25.65 15.58 -9.67
C LEU B 16 -27.02 15.12 -10.16
N GLU B 17 -27.37 15.52 -11.38
CA GLU B 17 -28.58 15.01 -12.03
C GLU B 17 -28.59 13.48 -12.09
N GLU B 18 -27.53 12.91 -12.64
CA GLU B 18 -27.41 11.45 -12.81
C GLU B 18 -27.31 10.73 -11.46
N ALA B 19 -26.41 11.21 -10.59
CA ALA B 19 -26.19 10.58 -9.29
C ALA B 19 -27.46 10.54 -8.42
N SER B 20 -28.23 11.61 -8.42
CA SER B 20 -29.46 11.67 -7.63
C SER B 20 -30.54 10.72 -8.16
N ARG B 21 -30.63 10.61 -9.48
CA ARG B 21 -31.55 9.66 -10.10
C ARG B 21 -31.18 8.22 -9.68
N LEU B 22 -29.89 7.91 -9.76
CA LEU B 22 -29.41 6.58 -9.37
C LEU B 22 -29.68 6.26 -7.90
N TYR B 23 -29.36 7.19 -7.01
CA TYR B 23 -29.53 6.92 -5.57
C TYR B 23 -30.99 6.91 -5.13
N PHE B 24 -31.72 7.98 -5.42
CA PHE B 24 -33.10 8.08 -4.96
C PHE B 24 -34.09 7.20 -5.76
N GLY B 25 -33.81 6.99 -7.04
CA GLY B 25 -34.68 6.19 -7.90
C GLY B 25 -34.48 4.69 -7.72
N GLU B 26 -33.23 4.26 -7.84
CA GLU B 26 -32.89 2.82 -7.85
C GLU B 26 -32.19 2.36 -6.57
N ARG B 27 -31.82 3.29 -5.70
CA ARG B 27 -30.93 3.00 -4.56
C ARG B 27 -29.61 2.35 -5.01
N ASN B 28 -29.08 2.85 -6.13
CA ASN B 28 -27.86 2.35 -6.70
C ASN B 28 -26.72 3.21 -6.19
N VAL B 29 -26.18 2.83 -5.04
CA VAL B 29 -25.08 3.56 -4.41
C VAL B 29 -23.78 3.41 -5.23
N LYS B 30 -23.55 2.22 -5.77
CA LYS B 30 -22.40 1.99 -6.65
C LYS B 30 -22.40 2.99 -7.81
N GLY B 31 -23.54 3.12 -8.47
CA GLY B 31 -23.69 4.04 -9.59
C GLY B 31 -23.51 5.48 -9.18
N MET B 32 -24.12 5.85 -8.05
CA MET B 32 -23.95 7.18 -7.48
C MET B 32 -22.47 7.51 -7.28
N PHE B 33 -21.74 6.62 -6.62
CA PHE B 33 -20.31 6.86 -6.36
C PHE B 33 -19.45 6.91 -7.61
N GLU B 34 -19.76 6.08 -8.61
CA GLU B 34 -19.06 6.12 -9.88
C GLU B 34 -19.15 7.49 -10.59
N VAL B 35 -20.30 8.14 -10.47
CA VAL B 35 -20.49 9.48 -11.05
C VAL B 35 -19.77 10.54 -10.23
N LEU B 36 -19.96 10.52 -8.91
CA LEU B 36 -19.46 11.61 -8.06
C LEU B 36 -17.95 11.56 -7.80
N GLU B 37 -17.37 10.35 -7.70
CA GLU B 37 -15.95 10.21 -7.33
C GLU B 37 -14.97 10.98 -8.24
N PRO B 38 -15.12 10.86 -9.58
CA PRO B 38 -14.26 11.65 -10.47
C PRO B 38 -14.46 13.16 -10.33
N LEU B 39 -15.67 13.59 -10.01
CA LEU B 39 -15.98 15.02 -9.86
C LEU B 39 -15.33 15.61 -8.60
N HIS B 40 -15.28 14.85 -7.50
CA HIS B 40 -14.48 15.25 -6.33
C HIS B 40 -12.98 15.20 -6.62
N ALA B 41 -12.55 14.12 -7.29
CA ALA B 41 -11.13 13.93 -7.63
C ALA B 41 -10.54 15.10 -8.44
N MET B 42 -11.30 15.62 -9.40
CA MET B 42 -10.82 16.72 -10.25
C MET B 42 -10.61 18.04 -9.51
N MET B 43 -11.25 18.18 -8.35
CA MET B 43 -11.15 19.37 -7.53
C MET B 43 -9.95 19.34 -6.58
N GLU B 44 -9.39 18.16 -6.32
CA GLU B 44 -8.26 17.99 -5.39
C GLU B 44 -7.01 18.81 -5.74
N ARG B 45 -6.77 19.02 -7.04
CA ARG B 45 -5.66 19.89 -7.48
C ARG B 45 -5.82 21.37 -7.10
N GLY B 46 -7.06 21.82 -6.87
CA GLY B 46 -7.36 23.21 -6.55
C GLY B 46 -7.78 23.93 -7.83
N PRO B 47 -8.50 25.08 -7.69
CA PRO B 47 -8.94 25.81 -8.89
C PRO B 47 -7.76 26.43 -9.64
N GLN B 48 -7.79 26.34 -10.97
CA GLN B 48 -6.73 26.87 -11.84
C GLN B 48 -7.24 27.74 -13.00
N THR B 49 -8.47 28.25 -12.85
CA THR B 49 -9.00 29.29 -13.72
C THR B 49 -9.88 30.16 -12.84
N LEU B 50 -10.28 31.32 -13.35
CA LEU B 50 -11.19 32.22 -12.66
C LEU B 50 -12.55 31.57 -12.38
N LYS B 51 -13.11 30.89 -13.38
CA LYS B 51 -14.39 30.18 -13.20
C LYS B 51 -14.31 29.07 -12.17
N GLU B 52 -13.21 28.31 -12.17
CA GLU B 52 -12.99 27.28 -11.15
C GLU B 52 -12.84 27.88 -9.76
N THR B 53 -12.19 29.05 -9.68
CA THR B 53 -12.03 29.75 -8.40
C THR B 53 -13.37 30.21 -7.84
N SER B 54 -14.21 30.78 -8.70
CA SER B 54 -15.55 31.22 -8.31
C SER B 54 -16.38 30.03 -7.86
N PHE B 55 -16.32 28.93 -8.62
CA PHE B 55 -16.98 27.69 -8.26
C PHE B 55 -16.54 27.18 -6.90
N ASN B 56 -15.23 27.13 -6.70
CA ASN B 56 -14.66 26.60 -5.45
C ASN B 56 -15.01 27.44 -4.23
N GLN B 57 -15.00 28.76 -4.40
CA GLN B 57 -15.38 29.68 -3.32
C GLN B 57 -16.85 29.51 -2.92
N ALA B 58 -17.72 29.29 -3.90
CA ALA B 58 -19.15 29.12 -3.64
C ALA B 58 -19.48 27.74 -3.05
N TYR B 59 -18.95 26.69 -3.67
CA TYR B 59 -19.41 25.31 -3.43
C TYR B 59 -18.38 24.36 -2.84
N GLY B 60 -17.12 24.78 -2.73
CA GLY B 60 -16.03 23.87 -2.41
C GLY B 60 -16.11 23.19 -1.06
N ARG B 61 -16.41 23.98 -0.02
CA ARG B 61 -16.53 23.45 1.34
C ARG B 61 -17.72 22.49 1.49
N ASP B 62 -18.86 22.87 0.91
CA ASP B 62 -20.06 22.03 0.93
C ASP B 62 -19.81 20.70 0.22
N LEU B 63 -19.13 20.74 -0.92
CA LEU B 63 -18.85 19.50 -1.67
C LEU B 63 -17.86 18.59 -0.95
N MET B 64 -16.84 19.16 -0.31
CA MET B 64 -15.89 18.30 0.42
C MET B 64 -16.53 17.68 1.66
N GLU B 65 -17.41 18.42 2.34
CA GLU B 65 -18.20 17.86 3.47
C GLU B 65 -19.15 16.75 2.98
N ALA B 66 -19.78 16.95 1.82
CA ALA B 66 -20.61 15.90 1.23
C ALA B 66 -19.79 14.62 1.00
N GLN B 67 -18.57 14.78 0.49
CA GLN B 67 -17.66 13.64 0.29
C GLN B 67 -17.32 12.95 1.61
N GLU B 68 -17.11 13.74 2.66
CA GLU B 68 -16.83 13.18 3.99
C GLU B 68 -17.98 12.31 4.48
N TRP B 69 -19.21 12.80 4.31
CA TRP B 69 -20.40 11.99 4.63
C TRP B 69 -20.47 10.69 3.82
N CYS B 70 -20.11 10.74 2.53
CA CYS B 70 -20.01 9.52 1.71
C CYS B 70 -18.92 8.57 2.21
N ARG B 71 -17.79 9.12 2.60
CA ARG B 71 -16.71 8.35 3.23
C ARG B 71 -17.16 7.66 4.53
N LYS B 72 -17.96 8.36 5.34
CA LYS B 72 -18.55 7.77 6.54
C LYS B 72 -19.46 6.59 6.17
N TYR B 73 -20.24 6.74 5.11
CA TYR B 73 -21.11 5.67 4.63
C TYR B 73 -20.35 4.41 4.24
N MET B 74 -19.19 4.58 3.60
CA MET B 74 -18.35 3.45 3.20
C MET B 74 -17.89 2.60 4.39
N LYS B 75 -17.75 3.21 5.58
CA LYS B 75 -17.43 2.48 6.81
C LYS B 75 -18.69 2.00 7.56
N SER B 76 -19.72 2.84 7.61
CA SER B 76 -20.90 2.57 8.45
C SER B 76 -21.95 1.69 7.77
N GLY B 77 -22.15 1.90 6.48
CA GLY B 77 -23.28 1.32 5.76
C GLY B 77 -24.64 1.97 6.07
N ASN B 78 -24.65 3.07 6.81
CA ASN B 78 -25.91 3.68 7.26
C ASN B 78 -26.35 4.76 6.28
N VAL B 79 -27.53 4.56 5.68
CA VAL B 79 -28.07 5.52 4.69
C VAL B 79 -28.29 6.93 5.25
N LYS B 80 -28.49 7.06 6.56
CA LYS B 80 -28.53 8.37 7.22
C LYS B 80 -27.30 9.24 6.90
N ASP B 81 -26.13 8.64 6.78
CA ASP B 81 -24.92 9.34 6.35
C ASP B 81 -25.06 9.89 4.92
N LEU B 82 -25.64 9.10 4.02
CA LEU B 82 -25.95 9.55 2.65
C LEU B 82 -27.04 10.63 2.59
N THR B 83 -28.00 10.59 3.51
CA THR B 83 -28.98 11.67 3.63
C THR B 83 -28.30 13.03 3.89
N GLN B 84 -27.30 13.04 4.76
CA GLN B 84 -26.53 14.24 5.03
C GLN B 84 -25.72 14.68 3.81
N ALA B 85 -25.09 13.72 3.13
CA ALA B 85 -24.39 14.02 1.88
C ALA B 85 -25.32 14.72 0.89
N TRP B 86 -26.50 14.15 0.67
CA TRP B 86 -27.43 14.69 -0.32
C TRP B 86 -28.07 16.03 0.04
N ASP B 87 -28.19 16.33 1.34
CA ASP B 87 -28.59 17.68 1.77
C ASP B 87 -27.62 18.73 1.24
N LEU B 88 -26.32 18.44 1.35
CA LEU B 88 -25.27 19.31 0.83
C LEU B 88 -25.21 19.29 -0.71
N TYR B 89 -25.25 18.11 -1.31
CA TYR B 89 -25.28 18.01 -2.78
C TYR B 89 -26.44 18.79 -3.43
N TYR B 90 -27.66 18.62 -2.92
CA TYR B 90 -28.82 19.33 -3.48
C TYR B 90 -28.77 20.86 -3.29
N HIS B 91 -28.20 21.31 -2.17
CA HIS B 91 -27.96 22.73 -1.96
C HIS B 91 -27.08 23.30 -3.08
N VAL B 92 -26.00 22.61 -3.39
CA VAL B 92 -25.12 22.99 -4.49
C VAL B 92 -25.86 22.86 -5.84
N PHE B 93 -26.55 21.74 -6.02
CA PHE B 93 -27.34 21.45 -7.23
C PHE B 93 -28.34 22.59 -7.50
N ARG B 94 -29.07 23.02 -6.47
CA ARG B 94 -30.05 24.10 -6.59
C ARG B 94 -29.43 25.43 -7.04
N ARG B 95 -28.29 25.78 -6.43
CA ARG B 95 -27.58 27.01 -6.78
C ARG B 95 -26.99 26.98 -8.19
N ILE B 96 -26.42 25.85 -8.60
CA ILE B 96 -25.89 25.69 -9.97
C ILE B 96 -26.99 25.78 -11.03
N SER B 97 -28.18 25.24 -10.74
CA SER B 97 -29.29 25.23 -11.71
C SER B 97 -29.79 26.63 -12.08
N LYS B 98 -29.94 27.49 -11.08
CA LYS B 98 -30.32 28.90 -11.26
C LYS B 98 -29.12 29.79 -11.55
N ARG C 3 4.40 -0.95 34.88
CA ARG C 3 3.26 0.02 34.86
C ARG C 3 3.72 1.43 34.45
N VAL C 4 4.81 1.88 35.06
CA VAL C 4 5.32 3.26 34.89
C VAL C 4 6.36 3.39 33.76
N ALA C 5 6.90 2.27 33.29
CA ALA C 5 7.96 2.28 32.27
C ALA C 5 7.53 2.93 30.94
N ILE C 6 8.49 3.58 30.28
CA ILE C 6 8.28 4.21 28.97
C ILE C 6 8.57 3.20 27.87
N LEU C 7 7.91 3.36 26.72
CA LEU C 7 8.01 2.42 25.61
C LEU C 7 8.38 3.18 24.32
N TRP C 8 9.52 2.80 23.74
CA TRP C 8 10.04 3.44 22.53
C TRP C 8 9.02 3.53 21.40
N HIS C 9 8.26 2.45 21.16
CA HIS C 9 7.30 2.44 20.06
C HIS C 9 6.12 3.42 20.28
N GLU C 10 5.67 3.56 21.52
CA GLU C 10 4.63 4.55 21.85
C GLU C 10 5.15 5.99 21.71
N MET C 11 6.41 6.21 22.08
CA MET C 11 7.00 7.54 22.04
C MET C 11 7.28 8.00 20.61
N TRP C 12 7.82 7.12 19.78
CA TRP C 12 8.02 7.43 18.37
C TRP C 12 6.70 7.59 17.60
N HIS C 13 5.70 6.79 17.92
CA HIS C 13 4.38 6.92 17.29
C HIS C 13 3.73 8.27 17.62
N GLU C 14 3.72 8.66 18.89
CA GLU C 14 3.23 9.99 19.29
C GLU C 14 4.06 11.11 18.67
N GLY C 15 5.39 10.98 18.76
CA GLY C 15 6.31 12.00 18.24
C GLY C 15 6.19 12.24 16.74
N LEU C 16 6.16 11.16 15.97
CA LEU C 16 6.04 11.26 14.51
C LEU C 16 4.68 11.82 14.10
N GLU C 17 3.61 11.45 14.81
CA GLU C 17 2.29 12.04 14.58
C GLU C 17 2.30 13.56 14.80
N GLU C 18 2.87 14.00 15.92
CA GLU C 18 2.98 15.43 16.22
C GLU C 18 3.89 16.16 15.22
N ALA C 19 5.06 15.57 14.93
CA ALA C 19 6.02 16.16 14.01
C ALA C 19 5.49 16.28 12.58
N SER C 20 4.67 15.32 12.15
CA SER C 20 4.03 15.38 10.82
C SER C 20 2.98 16.50 10.77
N ARG C 21 2.24 16.66 11.85
CA ARG C 21 1.27 17.76 11.97
C ARG C 21 1.98 19.12 11.83
N LEU C 22 3.10 19.29 12.56
CA LEU C 22 3.86 20.53 12.51
C LEU C 22 4.47 20.81 11.12
N TYR C 23 5.03 19.79 10.49
CA TYR C 23 5.72 19.98 9.21
C TYR C 23 4.75 20.10 8.04
N PHE C 24 3.83 19.14 7.92
CA PHE C 24 2.90 19.14 6.78
C PHE C 24 1.72 20.09 6.96
N GLY C 25 1.21 20.18 8.19
CA GLY C 25 0.08 21.04 8.52
C GLY C 25 0.41 22.51 8.70
N GLU C 26 1.54 22.79 9.33
CA GLU C 26 1.93 24.17 9.67
C GLU C 26 3.22 24.70 9.06
N ARG C 27 3.92 23.88 8.27
CA ARG C 27 5.23 24.23 7.68
C ARG C 27 6.26 24.69 8.74
N ASN C 28 6.27 23.99 9.88
CA ASN C 28 7.08 24.36 11.03
C ASN C 28 8.19 23.33 11.26
N VAL C 29 9.33 23.56 10.62
CA VAL C 29 10.50 22.68 10.74
C VAL C 29 11.11 22.79 12.14
N LYS C 30 11.19 24.01 12.66
CA LYS C 30 11.69 24.22 14.03
C LYS C 30 10.97 23.29 15.00
N GLY C 31 9.64 23.36 14.99
CA GLY C 31 8.80 22.50 15.84
C GLY C 31 9.00 21.02 15.59
N MET C 32 9.10 20.63 14.31
CA MET C 32 9.40 19.26 13.94
C MET C 32 10.69 18.75 14.58
N PHE C 33 11.76 19.53 14.48
CA PHE C 33 13.04 19.16 15.10
C PHE C 33 12.96 19.13 16.61
N GLU C 34 12.22 20.06 17.22
CA GLU C 34 12.07 20.07 18.70
C GLU C 34 11.39 18.81 19.24
N VAL C 35 10.48 18.23 18.46
CA VAL C 35 9.80 16.98 18.84
C VAL C 35 10.70 15.77 18.60
N LEU C 36 11.38 15.71 17.46
CA LEU C 36 12.06 14.49 17.06
C LEU C 36 13.47 14.34 17.62
N GLU C 37 14.19 15.45 17.76
CA GLU C 37 15.59 15.39 18.19
C GLU C 37 15.79 14.69 19.54
N PRO C 38 14.94 14.98 20.55
CA PRO C 38 15.08 14.26 21.84
C PRO C 38 14.80 12.75 21.73
N LEU C 39 13.89 12.37 20.83
CA LEU C 39 13.64 10.96 20.57
C LEU C 39 14.85 10.26 19.91
N HIS C 40 15.54 10.94 19.00
CA HIS C 40 16.82 10.44 18.47
C HIS C 40 17.88 10.34 19.58
N ALA C 41 17.93 11.34 20.44
CA ALA C 41 18.83 11.30 21.60
C ALA C 41 18.60 10.03 22.43
N MET C 42 17.34 9.72 22.67
CA MET C 42 16.98 8.49 23.40
C MET C 42 17.51 7.22 22.73
N MET C 43 17.42 7.15 21.40
CA MET C 43 17.99 6.04 20.65
C MET C 43 19.51 5.95 20.82
N GLU C 44 20.19 7.11 20.84
CA GLU C 44 21.66 7.14 20.97
C GLU C 44 22.19 6.53 22.27
N ARG C 45 21.35 6.37 23.28
CA ARG C 45 21.74 5.60 24.47
C ARG C 45 22.01 4.13 24.19
N GLY C 46 21.36 3.60 23.16
CA GLY C 46 21.43 2.18 22.84
C GLY C 46 20.30 1.46 23.54
N PRO C 47 19.86 0.32 22.99
CA PRO C 47 18.82 -0.46 23.68
C PRO C 47 19.32 -1.09 24.98
N GLN C 48 18.48 -1.05 26.01
CA GLN C 48 18.81 -1.64 27.31
C GLN C 48 17.79 -2.69 27.78
N THR C 49 16.91 -3.12 26.88
CA THR C 49 15.94 -4.17 27.18
C THR C 49 15.68 -4.93 25.89
N LEU C 50 15.04 -6.08 26.03
CA LEU C 50 14.62 -6.92 24.92
C LEU C 50 13.68 -6.16 23.96
N LYS C 51 12.70 -5.45 24.51
CA LYS C 51 11.76 -4.65 23.72
C LYS C 51 12.46 -3.54 22.94
N GLU C 52 13.36 -2.81 23.62
CA GLU C 52 14.15 -1.76 22.98
C GLU C 52 15.05 -2.33 21.88
N THR C 53 15.60 -3.52 22.12
CA THR C 53 16.48 -4.17 21.16
C THR C 53 15.68 -4.52 19.90
N SER C 54 14.52 -5.15 20.07
CA SER C 54 13.67 -5.48 18.90
C SER C 54 13.26 -4.20 18.14
N PHE C 55 12.95 -3.13 18.86
CA PHE C 55 12.63 -1.84 18.22
C PHE C 55 13.83 -1.28 17.45
N ASN C 56 15.01 -1.31 18.07
CA ASN C 56 16.23 -0.82 17.42
C ASN C 56 16.55 -1.61 16.16
N GLN C 57 16.40 -2.94 16.21
CA GLN C 57 16.65 -3.79 15.05
C GLN C 57 15.72 -3.47 13.89
N ALA C 58 14.44 -3.24 14.20
CA ALA C 58 13.45 -2.95 13.17
C ALA C 58 13.61 -1.56 12.55
N TYR C 59 13.86 -0.54 13.39
CA TYR C 59 13.77 0.87 12.94
C TYR C 59 15.00 1.74 13.16
N GLY C 60 15.98 1.27 13.93
CA GLY C 60 17.13 2.06 14.34
C GLY C 60 17.89 2.72 13.22
N ARG C 61 18.27 1.94 12.20
CA ARG C 61 19.05 2.47 11.09
C ARG C 61 18.23 3.45 10.22
N ASP C 62 16.93 3.16 10.04
CA ASP C 62 16.02 4.06 9.33
C ASP C 62 15.88 5.41 10.03
N LEU C 63 15.75 5.40 11.35
CA LEU C 63 15.70 6.64 12.14
C LEU C 63 17.01 7.40 12.12
N MET C 64 18.15 6.70 12.18
CA MET C 64 19.46 7.36 12.07
C MET C 64 19.65 8.05 10.73
N GLU C 65 19.24 7.39 9.65
CA GLU C 65 19.32 7.98 8.33
C GLU C 65 18.38 9.20 8.20
N ALA C 66 17.19 9.11 8.76
CA ALA C 66 16.24 10.22 8.74
C ALA C 66 16.85 11.44 9.44
N GLN C 67 17.47 11.20 10.60
CA GLN C 67 18.18 12.26 11.30
C GLN C 67 19.31 12.85 10.45
N GLU C 68 20.04 11.99 9.75
CA GLU C 68 21.14 12.44 8.87
C GLU C 68 20.65 13.36 7.75
N TRP C 69 19.51 13.03 7.17
CA TRP C 69 18.88 13.90 6.16
C TRP C 69 18.49 15.25 6.76
N CYS C 70 17.95 15.24 7.98
CA CYS C 70 17.68 16.49 8.70
C CYS C 70 18.96 17.30 8.94
N ARG C 71 20.04 16.64 9.31
CA ARG C 71 21.36 17.30 9.43
C ARG C 71 21.84 17.94 8.11
N LYS C 72 21.67 17.23 7.00
CA LYS C 72 21.96 17.79 5.69
C LYS C 72 21.10 19.01 5.39
N TYR C 73 19.82 18.97 5.78
CA TYR C 73 18.95 20.16 5.67
C TYR C 73 19.48 21.37 6.45
N MET C 74 20.00 21.14 7.65
CA MET C 74 20.56 22.23 8.47
C MET C 74 21.76 22.92 7.81
N LYS C 75 22.46 22.20 6.92
CA LYS C 75 23.59 22.75 6.16
C LYS C 75 23.13 23.40 4.85
N SER C 76 22.30 22.70 4.09
CA SER C 76 21.93 23.12 2.73
C SER C 76 20.74 24.08 2.63
N GLY C 77 19.78 23.93 3.55
CA GLY C 77 18.50 24.65 3.46
C GLY C 77 17.53 24.14 2.41
N ASN C 78 17.87 23.00 1.77
CA ASN C 78 17.10 22.46 0.65
C ASN C 78 16.01 21.49 1.16
N VAL C 79 14.75 21.82 0.87
CA VAL C 79 13.59 21.05 1.35
C VAL C 79 13.57 19.58 0.85
N LYS C 80 14.20 19.33 -0.30
CA LYS C 80 14.43 17.95 -0.80
C LYS C 80 15.02 17.04 0.28
N ASP C 81 15.99 17.54 1.04
CA ASP C 81 16.59 16.77 2.15
C ASP C 81 15.57 16.38 3.21
N LEU C 82 14.64 17.29 3.51
CA LEU C 82 13.51 17.00 4.40
C LEU C 82 12.53 15.99 3.82
N THR C 83 12.27 16.07 2.51
CA THR C 83 11.47 15.05 1.84
C THR C 83 12.05 13.65 2.03
N GLN C 84 13.35 13.52 1.85
CA GLN C 84 14.07 12.26 2.08
C GLN C 84 13.93 11.77 3.53
N ALA C 85 14.09 12.70 4.47
CA ALA C 85 13.88 12.37 5.88
C ALA C 85 12.48 11.83 6.12
N TRP C 86 11.49 12.54 5.59
CA TRP C 86 10.09 12.15 5.80
C TRP C 86 9.67 10.87 5.09
N ASP C 87 10.39 10.49 4.04
CA ASP C 87 10.19 9.17 3.41
C ASP C 87 10.55 8.06 4.40
N LEU C 88 11.66 8.25 5.12
CA LEU C 88 12.11 7.30 6.13
C LEU C 88 11.25 7.35 7.39
N TYR C 89 10.93 8.54 7.89
CA TYR C 89 10.03 8.66 9.05
C TYR C 89 8.65 8.06 8.82
N TYR C 90 8.04 8.37 7.68
CA TYR C 90 6.70 7.85 7.40
C TYR C 90 6.70 6.31 7.33
N HIS C 91 7.73 5.76 6.69
CA HIS C 91 7.93 4.30 6.62
C HIS C 91 7.96 3.65 8.00
N VAL C 92 8.69 4.27 8.92
CA VAL C 92 8.74 3.81 10.31
C VAL C 92 7.36 3.97 10.94
N PHE C 93 6.75 5.14 10.77
CA PHE C 93 5.42 5.40 11.33
C PHE C 93 4.38 4.37 10.88
N ARG C 94 4.38 4.06 9.58
CA ARG C 94 3.49 3.04 9.01
C ARG C 94 3.69 1.69 9.69
N ARG C 95 4.95 1.26 9.79
CA ARG C 95 5.25 -0.06 10.35
C ARG C 95 4.92 -0.17 11.84
N ILE C 96 5.13 0.92 12.59
CA ILE C 96 4.74 0.95 14.01
C ILE C 96 3.22 0.93 14.15
N SER C 97 2.51 1.66 13.29
CA SER C 97 1.04 1.65 13.27
C SER C 97 0.44 0.25 13.04
N LYS C 98 1.16 -0.62 12.33
CA LYS C 98 0.81 -2.04 12.23
C LYS C 98 1.36 -2.85 13.41
N LEU D 7 6.25 -30.13 0.72
CA LEU D 7 6.29 -29.77 2.15
C LEU D 7 7.00 -28.43 2.33
N TRP D 8 6.29 -27.49 2.92
CA TRP D 8 6.81 -26.16 3.24
C TRP D 8 8.09 -26.20 4.10
N HIS D 9 8.13 -27.15 5.03
CA HIS D 9 9.28 -27.36 5.94
C HIS D 9 10.52 -27.71 5.12
N GLU D 10 10.37 -28.69 4.23
CA GLU D 10 11.47 -29.16 3.38
C GLU D 10 11.93 -28.12 2.38
N MET D 11 10.99 -27.38 1.77
CA MET D 11 11.35 -26.39 0.74
C MET D 11 12.16 -25.24 1.34
N TRP D 12 11.75 -24.75 2.51
CA TRP D 12 12.49 -23.69 3.20
C TRP D 12 13.85 -24.15 3.72
N HIS D 13 13.92 -25.37 4.26
CA HIS D 13 15.19 -25.90 4.74
C HIS D 13 16.20 -26.01 3.59
N GLU D 14 15.79 -26.65 2.49
CA GLU D 14 16.68 -26.78 1.33
C GLU D 14 16.98 -25.42 0.69
N GLY D 15 15.95 -24.61 0.50
CA GLY D 15 16.10 -23.29 -0.11
C GLY D 15 17.02 -22.34 0.64
N LEU D 16 16.89 -22.28 1.96
CA LEU D 16 17.78 -21.46 2.78
C LEU D 16 19.22 -21.95 2.74
N GLU D 17 19.41 -23.28 2.69
CA GLU D 17 20.76 -23.82 2.52
C GLU D 17 21.37 -23.38 1.18
N GLU D 18 20.60 -23.52 0.11
CA GLU D 18 21.05 -23.14 -1.24
C GLU D 18 21.34 -21.64 -1.34
N ALA D 19 20.42 -20.83 -0.83
CA ALA D 19 20.54 -19.38 -0.90
C ALA D 19 21.70 -18.83 -0.05
N SER D 20 21.92 -19.45 1.12
CA SER D 20 23.03 -19.07 2.00
C SER D 20 24.42 -19.36 1.39
N ARG D 21 24.57 -20.45 0.65
CA ARG D 21 25.79 -20.72 -0.13
C ARG D 21 26.08 -19.57 -1.11
N LEU D 22 25.05 -19.19 -1.86
CA LEU D 22 25.14 -18.11 -2.84
C LEU D 22 25.47 -16.76 -2.21
N TYR D 23 24.83 -16.43 -1.09
CA TYR D 23 25.05 -15.14 -0.46
C TYR D 23 26.37 -15.08 0.30
N PHE D 24 26.57 -15.99 1.24
CA PHE D 24 27.77 -15.96 2.09
C PHE D 24 29.01 -16.46 1.39
N GLY D 25 28.83 -17.35 0.41
CA GLY D 25 29.96 -17.86 -0.38
C GLY D 25 30.39 -16.96 -1.53
N GLU D 26 29.43 -16.33 -2.21
CA GLU D 26 29.72 -15.54 -3.42
C GLU D 26 29.32 -14.06 -3.40
N ARG D 27 28.58 -13.62 -2.38
CA ARG D 27 27.88 -12.32 -2.43
C ARG D 27 27.00 -12.21 -3.68
N ASN D 28 26.38 -13.33 -4.05
CA ASN D 28 25.55 -13.41 -5.24
C ASN D 28 24.13 -13.14 -4.79
N VAL D 29 23.77 -11.85 -4.71
CA VAL D 29 22.46 -11.44 -4.21
C VAL D 29 21.33 -11.84 -5.17
N LYS D 30 21.56 -11.65 -6.47
CA LYS D 30 20.56 -12.04 -7.48
C LYS D 30 20.22 -13.52 -7.33
N GLY D 31 21.27 -14.35 -7.24
CA GLY D 31 21.12 -15.79 -7.07
C GLY D 31 20.35 -16.16 -5.82
N MET D 32 20.63 -15.46 -4.72
CA MET D 32 19.89 -15.63 -3.49
C MET D 32 18.39 -15.35 -3.69
N PHE D 33 18.09 -14.22 -4.30
CA PHE D 33 16.70 -13.86 -4.56
C PHE D 33 15.99 -14.85 -5.50
N GLU D 34 16.70 -15.32 -6.52
CA GLU D 34 16.14 -16.35 -7.44
C GLU D 34 15.70 -17.63 -6.69
N VAL D 35 16.43 -18.00 -5.64
CA VAL D 35 16.10 -19.18 -4.83
C VAL D 35 14.92 -18.90 -3.91
N LEU D 36 14.94 -17.78 -3.19
CA LEU D 36 13.96 -17.53 -2.14
C LEU D 36 12.63 -16.92 -2.58
N GLU D 37 12.64 -16.10 -3.61
CA GLU D 37 11.42 -15.37 -4.02
C GLU D 37 10.27 -16.31 -4.40
N PRO D 38 10.56 -17.43 -5.10
CA PRO D 38 9.49 -18.42 -5.37
C PRO D 38 8.97 -19.15 -4.12
N LEU D 39 9.81 -19.27 -3.09
CA LEU D 39 9.38 -19.88 -1.83
C LEU D 39 8.48 -18.93 -1.06
N HIS D 40 8.78 -17.64 -1.08
CA HIS D 40 7.83 -16.64 -0.57
C HIS D 40 6.53 -16.67 -1.39
N ALA D 41 6.64 -16.82 -2.71
CA ALA D 41 5.43 -16.95 -3.52
C ALA D 41 4.57 -18.14 -3.06
N MET D 42 5.22 -19.24 -2.69
CA MET D 42 4.49 -20.40 -2.17
C MET D 42 3.71 -20.08 -0.90
N MET D 43 4.33 -19.33 0.00
CA MET D 43 3.66 -18.89 1.22
C MET D 43 2.48 -17.98 0.93
N GLU D 44 2.63 -17.07 -0.03
CA GLU D 44 1.59 -16.11 -0.39
C GLU D 44 0.32 -16.75 -0.96
N ARG D 45 0.40 -18.01 -1.42
CA ARG D 45 -0.80 -18.80 -1.75
C ARG D 45 -1.71 -18.96 -0.54
N GLY D 46 -1.10 -19.01 0.64
CA GLY D 46 -1.80 -19.28 1.88
C GLY D 46 -1.78 -20.78 2.14
N PRO D 47 -1.90 -21.18 3.42
CA PRO D 47 -1.89 -22.61 3.75
C PRO D 47 -3.16 -23.33 3.29
N GLN D 48 -2.99 -24.58 2.90
CA GLN D 48 -4.07 -25.44 2.40
C GLN D 48 -4.32 -26.69 3.26
N THR D 49 -3.55 -26.87 4.33
CA THR D 49 -3.67 -28.03 5.19
C THR D 49 -3.38 -27.60 6.63
N LEU D 50 -3.71 -28.49 7.57
CA LEU D 50 -3.44 -28.25 8.99
C LEU D 50 -1.94 -28.00 9.24
N LYS D 51 -1.09 -28.85 8.66
CA LYS D 51 0.35 -28.73 8.83
C LYS D 51 0.91 -27.42 8.24
N GLU D 52 0.39 -26.99 7.09
CA GLU D 52 0.78 -25.69 6.54
C GLU D 52 0.34 -24.52 7.43
N THR D 53 -0.85 -24.64 8.04
CA THR D 53 -1.36 -23.61 8.96
C THR D 53 -0.48 -23.49 10.20
N SER D 54 -0.11 -24.64 10.76
CA SER D 54 0.84 -24.68 11.89
C SER D 54 2.20 -24.09 11.50
N PHE D 55 2.68 -24.41 10.30
CA PHE D 55 3.93 -23.86 9.80
C PHE D 55 3.84 -22.35 9.65
N ASN D 56 2.71 -21.89 9.11
CA ASN D 56 2.48 -20.45 8.93
C ASN D 56 2.40 -19.72 10.29
N GLN D 57 1.81 -20.37 11.28
CA GLN D 57 1.74 -19.82 12.66
C GLN D 57 3.13 -19.60 13.27
N ALA D 58 4.01 -20.59 13.12
CA ALA D 58 5.36 -20.51 13.68
C ALA D 58 6.29 -19.59 12.90
N TYR D 59 6.25 -19.64 11.56
CA TYR D 59 7.29 -19.02 10.71
C TYR D 59 6.83 -17.96 9.72
N GLY D 60 5.53 -17.85 9.47
CA GLY D 60 5.02 -17.04 8.38
C GLY D 60 5.34 -15.57 8.46
N ARG D 61 5.11 -14.96 9.62
CA ARG D 61 5.44 -13.55 9.82
C ARG D 61 6.96 -13.32 9.69
N ASP D 62 7.76 -14.19 10.29
CA ASP D 62 9.22 -14.10 10.19
C ASP D 62 9.70 -14.13 8.74
N LEU D 63 9.16 -15.06 7.97
CA LEU D 63 9.52 -15.14 6.54
C LEU D 63 9.09 -13.89 5.77
N MET D 64 7.88 -13.39 6.03
CA MET D 64 7.41 -12.15 5.42
C MET D 64 8.30 -10.96 5.75
N GLU D 65 8.71 -10.84 7.01
CA GLU D 65 9.61 -9.77 7.40
C GLU D 65 10.97 -9.88 6.72
N ALA D 66 11.50 -11.10 6.62
CA ALA D 66 12.75 -11.36 5.89
C ALA D 66 12.68 -10.88 4.43
N GLN D 67 11.57 -11.19 3.77
CA GLN D 67 11.33 -10.67 2.43
C GLN D 67 11.31 -9.15 2.39
N GLU D 68 10.66 -8.53 3.39
CA GLU D 68 10.57 -7.08 3.46
C GLU D 68 11.97 -6.46 3.54
N TRP D 69 12.87 -7.08 4.30
CA TRP D 69 14.26 -6.60 4.41
C TRP D 69 15.01 -6.71 3.06
N CYS D 70 14.76 -7.79 2.32
CA CYS D 70 15.33 -7.93 0.97
C CYS D 70 14.84 -6.82 0.06
N ARG D 71 13.54 -6.53 0.13
CA ARG D 71 12.93 -5.40 -0.57
C ARG D 71 13.57 -4.06 -0.19
N LYS D 72 13.82 -3.87 1.12
CA LYS D 72 14.51 -2.65 1.59
C LYS D 72 15.92 -2.54 1.00
N TYR D 73 16.64 -3.65 0.93
CA TYR D 73 17.99 -3.67 0.33
C TYR D 73 18.01 -3.18 -1.12
N MET D 74 17.03 -3.60 -1.91
CA MET D 74 16.94 -3.16 -3.31
C MET D 74 16.78 -1.64 -3.45
N LYS D 75 16.10 -1.01 -2.49
CA LYS D 75 15.97 0.45 -2.45
C LYS D 75 17.26 1.11 -1.95
N SER D 76 17.72 0.67 -0.78
CA SER D 76 18.82 1.32 -0.06
C SER D 76 20.20 1.02 -0.63
N GLY D 77 20.40 -0.21 -1.09
CA GLY D 77 21.72 -0.71 -1.45
C GLY D 77 22.62 -0.98 -0.25
N ASN D 78 22.06 -0.94 0.97
CA ASN D 78 22.83 -1.11 2.19
C ASN D 78 22.85 -2.59 2.58
N VAL D 79 24.04 -3.18 2.61
CA VAL D 79 24.24 -4.59 2.97
C VAL D 79 23.67 -4.99 4.32
N LYS D 80 23.65 -4.05 5.28
CA LYS D 80 23.06 -4.32 6.61
C LYS D 80 21.56 -4.68 6.58
N ASP D 81 20.83 -4.18 5.58
CA ASP D 81 19.45 -4.63 5.36
C ASP D 81 19.37 -6.12 4.99
N LEU D 82 20.35 -6.58 4.23
CA LEU D 82 20.47 -7.99 3.87
C LEU D 82 20.87 -8.84 5.08
N THR D 83 21.76 -8.32 5.91
CA THR D 83 22.11 -8.98 7.16
C THR D 83 20.87 -9.19 8.03
N GLN D 84 20.01 -8.18 8.10
CA GLN D 84 18.77 -8.28 8.86
C GLN D 84 17.79 -9.29 8.25
N ALA D 85 17.72 -9.37 6.92
CA ALA D 85 16.93 -10.43 6.30
C ALA D 85 17.43 -11.80 6.73
N TRP D 86 18.74 -11.99 6.69
CA TRP D 86 19.35 -13.26 7.09
C TRP D 86 19.18 -13.58 8.57
N ASP D 87 19.16 -12.57 9.41
CA ASP D 87 18.83 -12.73 10.83
C ASP D 87 17.45 -13.39 10.97
N LEU D 88 16.46 -12.89 10.23
CA LEU D 88 15.12 -13.46 10.27
C LEU D 88 15.05 -14.86 9.63
N TYR D 89 15.71 -15.02 8.48
CA TYR D 89 15.81 -16.34 7.87
C TYR D 89 16.46 -17.34 8.82
N TYR D 90 17.55 -16.94 9.48
CA TYR D 90 18.20 -17.82 10.45
C TYR D 90 17.29 -18.17 11.64
N HIS D 91 16.55 -17.17 12.12
CA HIS D 91 15.54 -17.35 13.19
C HIS D 91 14.56 -18.47 12.82
N VAL D 92 14.15 -18.54 11.55
CA VAL D 92 13.34 -19.64 11.08
C VAL D 92 14.20 -20.90 10.95
N PHE D 93 15.33 -20.78 10.27
CA PHE D 93 16.20 -21.93 9.98
C PHE D 93 16.62 -22.74 11.20
N ARG D 94 17.02 -22.05 12.25
CA ARG D 94 17.42 -22.74 13.48
C ARG D 94 16.33 -23.62 14.09
N ARG D 95 15.07 -23.23 13.88
CA ARG D 95 13.94 -24.02 14.34
C ARG D 95 13.58 -25.18 13.39
N ILE D 96 13.50 -24.89 12.10
CA ILE D 96 13.13 -25.94 11.13
C ILE D 96 14.22 -26.99 10.91
N SER D 97 15.49 -26.60 11.12
CA SER D 97 16.61 -27.52 10.86
C SER D 97 16.86 -28.55 11.96
N LYS D 98 16.19 -28.42 13.11
CA LYS D 98 16.29 -29.42 14.18
C LYS D 98 15.54 -30.70 13.80
N LEU E 7 21.77 4.33 -26.66
CA LEU E 7 21.37 4.59 -25.25
C LEU E 7 19.86 4.86 -25.12
N TRP E 8 19.26 5.66 -25.99
CA TRP E 8 17.83 6.03 -25.83
C TRP E 8 16.91 4.81 -25.73
N HIS E 9 17.11 3.81 -26.59
CA HIS E 9 16.29 2.59 -26.50
C HIS E 9 16.52 1.85 -25.18
N GLU E 10 17.76 1.82 -24.70
CA GLU E 10 18.08 1.19 -23.42
C GLU E 10 17.53 1.97 -22.23
N MET E 11 17.65 3.29 -22.27
CA MET E 11 17.19 4.15 -21.18
C MET E 11 15.67 4.05 -21.03
N TRP E 12 14.95 4.04 -22.15
CA TRP E 12 13.50 3.86 -22.11
C TRP E 12 13.08 2.43 -21.75
N HIS E 13 13.79 1.43 -22.26
CA HIS E 13 13.46 0.03 -21.93
C HIS E 13 13.56 -0.19 -20.42
N GLU E 14 14.67 0.23 -19.81
CA GLU E 14 14.87 0.10 -18.36
C GLU E 14 13.95 1.01 -17.56
N GLY E 15 13.81 2.26 -18.01
CA GLY E 15 12.94 3.23 -17.35
C GLY E 15 11.48 2.85 -17.29
N LEU E 16 10.94 2.35 -18.40
CA LEU E 16 9.54 1.91 -18.43
C LEU E 16 9.30 0.70 -17.53
N GLU E 17 10.28 -0.22 -17.49
CA GLU E 17 10.19 -1.40 -16.63
C GLU E 17 10.19 -0.99 -15.15
N GLU E 18 11.12 -0.11 -14.77
CA GLU E 18 11.21 0.36 -13.36
C GLU E 18 9.97 1.18 -12.96
N ALA E 19 9.53 2.07 -13.84
CA ALA E 19 8.32 2.85 -13.62
C ALA E 19 7.08 1.98 -13.43
N SER E 20 6.95 0.90 -14.20
CA SER E 20 5.83 -0.03 -14.06
C SER E 20 5.89 -0.78 -12.73
N ARG E 21 7.10 -1.20 -12.34
CA ARG E 21 7.30 -1.85 -11.03
C ARG E 21 6.87 -0.96 -9.89
N LEU E 22 7.21 0.33 -9.99
CA LEU E 22 6.86 1.30 -8.95
C LEU E 22 5.35 1.54 -8.91
N TYR E 23 4.71 1.64 -10.08
CA TYR E 23 3.27 1.92 -10.13
C TYR E 23 2.44 0.69 -9.76
N PHE E 24 2.60 -0.40 -10.52
CA PHE E 24 1.79 -1.61 -10.37
C PHE E 24 2.20 -2.49 -9.18
N GLY E 25 3.50 -2.55 -8.90
CA GLY E 25 4.04 -3.36 -7.81
C GLY E 25 4.01 -2.68 -6.46
N GLU E 26 4.31 -1.39 -6.41
CA GLU E 26 4.37 -0.63 -5.15
C GLU E 26 3.27 0.41 -4.95
N ARG E 27 2.39 0.61 -5.93
CA ARG E 27 1.37 1.68 -5.88
C ARG E 27 1.99 3.06 -5.58
N ASN E 28 3.09 3.35 -6.25
CA ASN E 28 3.88 4.56 -6.03
C ASN E 28 3.88 5.43 -7.30
N VAL E 29 2.85 6.28 -7.40
CA VAL E 29 2.68 7.18 -8.55
C VAL E 29 3.77 8.26 -8.60
N LYS E 30 4.19 8.78 -7.43
CA LYS E 30 5.27 9.78 -7.37
C LYS E 30 6.61 9.22 -7.89
N GLY E 31 6.95 8.00 -7.47
CA GLY E 31 8.19 7.36 -7.91
C GLY E 31 8.15 7.04 -9.41
N MET E 32 6.98 6.65 -9.89
CA MET E 32 6.75 6.44 -11.33
C MET E 32 7.09 7.70 -12.13
N PHE E 33 6.54 8.84 -11.71
CA PHE E 33 6.78 10.11 -12.41
C PHE E 33 8.23 10.57 -12.31
N GLU E 34 8.88 10.34 -11.17
CA GLU E 34 10.30 10.65 -10.99
C GLU E 34 11.23 9.87 -11.94
N VAL E 35 10.88 8.63 -12.25
CA VAL E 35 11.60 7.85 -13.25
C VAL E 35 11.39 8.41 -14.64
N LEU E 36 10.13 8.67 -15.00
CA LEU E 36 9.76 9.03 -16.38
C LEU E 36 10.02 10.50 -16.76
N GLU E 37 9.89 11.41 -15.78
CA GLU E 37 10.07 12.85 -16.04
C GLU E 37 11.38 13.22 -16.78
N PRO E 38 12.55 12.77 -16.27
CA PRO E 38 13.81 13.09 -16.97
C PRO E 38 13.97 12.41 -18.34
N LEU E 39 13.32 11.27 -18.52
CA LEU E 39 13.33 10.59 -19.81
C LEU E 39 12.55 11.41 -20.84
N HIS E 40 11.35 11.88 -20.50
CA HIS E 40 10.60 12.80 -21.38
C HIS E 40 11.35 14.11 -21.58
N ALA E 41 11.95 14.64 -20.51
CA ALA E 41 12.74 15.88 -20.59
C ALA E 41 13.88 15.79 -21.62
N MET E 42 14.60 14.67 -21.65
CA MET E 42 15.69 14.51 -22.65
C MET E 42 15.14 14.46 -24.09
N MET E 43 13.95 13.91 -24.28
CA MET E 43 13.28 13.91 -25.58
C MET E 43 12.97 15.34 -26.02
N GLU E 44 12.54 16.17 -25.07
CA GLU E 44 12.16 17.55 -25.37
C GLU E 44 13.33 18.44 -25.81
N ARG E 45 14.56 18.12 -25.38
CA ARG E 45 15.78 18.81 -25.84
C ARG E 45 16.09 18.50 -27.31
N GLY E 46 15.69 17.31 -27.73
CA GLY E 46 15.84 16.85 -29.12
C GLY E 46 16.95 15.82 -29.22
N PRO E 47 16.94 15.01 -30.30
CA PRO E 47 18.00 14.01 -30.48
C PRO E 47 19.35 14.65 -30.72
N GLN E 48 20.39 13.96 -30.26
CA GLN E 48 21.77 14.42 -30.37
C GLN E 48 22.57 13.59 -31.38
N THR E 49 22.06 12.42 -31.76
CA THR E 49 22.75 11.50 -32.67
C THR E 49 21.77 10.95 -33.70
N LEU E 50 22.32 10.23 -34.67
CA LEU E 50 21.50 9.54 -35.67
C LEU E 50 20.60 8.48 -35.02
N LYS E 51 21.15 7.71 -34.08
CA LYS E 51 20.38 6.68 -33.38
C LYS E 51 19.22 7.28 -32.57
N GLU E 52 19.48 8.41 -31.91
CA GLU E 52 18.44 9.09 -31.15
C GLU E 52 17.35 9.66 -32.06
N THR E 53 17.75 10.14 -33.24
CA THR E 53 16.82 10.64 -34.24
C THR E 53 15.90 9.51 -34.76
N SER E 54 16.47 8.34 -35.02
CA SER E 54 15.66 7.19 -35.49
C SER E 54 14.74 6.68 -34.38
N PHE E 55 15.24 6.67 -33.14
CA PHE E 55 14.39 6.39 -32.00
C PHE E 55 13.22 7.37 -31.91
N ASN E 56 13.52 8.65 -32.15
CA ASN E 56 12.51 9.69 -32.07
C ASN E 56 11.46 9.52 -33.19
N GLN E 57 11.91 9.12 -34.38
CA GLN E 57 10.99 8.86 -35.50
C GLN E 57 9.99 7.74 -35.17
N ALA E 58 10.47 6.67 -34.56
CA ALA E 58 9.63 5.50 -34.27
C ALA E 58 8.68 5.73 -33.10
N TYR E 59 9.20 6.34 -32.02
CA TYR E 59 8.51 6.35 -30.72
C TYR E 59 8.15 7.71 -30.13
N GLY E 60 8.66 8.80 -30.71
CA GLY E 60 8.59 10.13 -30.08
C GLY E 60 7.17 10.61 -29.84
N ARG E 61 6.33 10.53 -30.87
CA ARG E 61 4.92 10.93 -30.79
C ARG E 61 4.16 10.14 -29.73
N ASP E 62 4.33 8.81 -29.74
CA ASP E 62 3.66 7.93 -28.77
C ASP E 62 4.05 8.27 -27.33
N LEU E 63 5.34 8.46 -27.10
CA LEU E 63 5.85 8.83 -25.77
C LEU E 63 5.37 10.22 -25.33
N MET E 64 5.29 11.16 -26.28
CA MET E 64 4.72 12.48 -26.01
C MET E 64 3.24 12.39 -25.62
N GLU E 65 2.49 11.57 -26.35
CA GLU E 65 1.07 11.38 -26.04
C GLU E 65 0.89 10.75 -24.65
N ALA E 66 1.74 9.79 -24.32
CA ALA E 66 1.70 9.14 -23.00
C ALA E 66 1.92 10.16 -21.88
N GLN E 67 2.87 11.07 -22.08
CA GLN E 67 3.12 12.13 -21.11
C GLN E 67 1.92 13.07 -20.95
N GLU E 68 1.24 13.40 -22.05
CA GLU E 68 0.08 14.28 -21.95
C GLU E 68 -1.09 13.63 -21.17
N TRP E 69 -1.25 12.32 -21.31
CA TRP E 69 -2.20 11.56 -20.47
C TRP E 69 -1.80 11.57 -18.98
N CYS E 70 -0.50 11.46 -18.70
CA CYS E 70 0.01 11.66 -17.33
C CYS E 70 -0.27 13.05 -16.80
N ARG E 71 -0.12 14.06 -17.66
CA ARG E 71 -0.41 15.44 -17.28
C ARG E 71 -1.91 15.67 -17.06
N LYS E 72 -2.74 14.99 -17.85
CA LYS E 72 -4.20 14.98 -17.62
C LYS E 72 -4.57 14.36 -16.28
N TYR E 73 -3.90 13.28 -15.90
CA TYR E 73 -4.09 12.64 -14.58
C TYR E 73 -3.75 13.60 -13.44
N MET E 74 -2.65 14.32 -13.56
CA MET E 74 -2.25 15.28 -12.53
C MET E 74 -3.25 16.42 -12.36
N LYS E 75 -3.99 16.73 -13.43
CA LYS E 75 -5.11 17.69 -13.38
C LYS E 75 -6.40 17.08 -12.81
N SER E 76 -6.74 15.88 -13.27
CA SER E 76 -8.04 15.27 -12.99
C SER E 76 -8.09 14.36 -11.75
N GLY E 77 -6.96 13.78 -11.38
CA GLY E 77 -6.93 12.72 -10.37
C GLY E 77 -7.66 11.44 -10.75
N ASN E 78 -7.96 11.26 -12.05
CA ASN E 78 -8.73 10.13 -12.55
C ASN E 78 -7.75 9.07 -13.06
N VAL E 79 -7.78 7.90 -12.41
CA VAL E 79 -6.89 6.80 -12.77
C VAL E 79 -7.10 6.27 -14.20
N LYS E 80 -8.27 6.53 -14.80
CA LYS E 80 -8.47 6.28 -16.24
C LYS E 80 -7.46 7.01 -17.15
N ASP E 81 -7.06 8.23 -16.77
CA ASP E 81 -6.06 8.97 -17.56
C ASP E 81 -4.69 8.28 -17.53
N LEU E 82 -4.33 7.74 -16.37
CA LEU E 82 -3.06 7.02 -16.20
C LEU E 82 -3.08 5.67 -16.92
N THR E 83 -4.25 5.02 -16.93
CA THR E 83 -4.50 3.82 -17.73
C THR E 83 -4.24 4.06 -19.23
N GLN E 84 -4.67 5.21 -19.73
CA GLN E 84 -4.39 5.60 -21.11
C GLN E 84 -2.89 5.79 -21.36
N ALA E 85 -2.20 6.44 -20.41
CA ALA E 85 -0.76 6.59 -20.51
C ALA E 85 -0.06 5.24 -20.60
N TRP E 86 -0.45 4.32 -19.72
CA TRP E 86 0.21 3.01 -19.61
C TRP E 86 -0.02 2.12 -20.84
N ASP E 87 -1.16 2.27 -21.50
CA ASP E 87 -1.40 1.57 -22.77
C ASP E 87 -0.36 2.00 -23.82
N LEU E 88 -0.11 3.30 -23.91
CA LEU E 88 0.89 3.84 -24.84
C LEU E 88 2.32 3.43 -24.48
N TYR E 89 2.65 3.51 -23.20
CA TYR E 89 3.97 3.10 -22.72
C TYR E 89 4.25 1.60 -23.00
N TYR E 90 3.26 0.74 -22.74
CA TYR E 90 3.40 -0.67 -23.03
C TYR E 90 3.51 -0.91 -24.54
N HIS E 91 2.73 -0.17 -25.33
CA HIS E 91 2.81 -0.23 -26.81
C HIS E 91 4.22 0.08 -27.30
N VAL E 92 4.86 1.09 -26.71
CA VAL E 92 6.25 1.43 -27.03
C VAL E 92 7.19 0.37 -26.47
N PHE E 93 7.01 -0.03 -25.21
CA PHE E 93 7.85 -1.07 -24.59
C PHE E 93 7.90 -2.37 -25.41
N ARG E 94 6.74 -2.86 -25.85
CA ARG E 94 6.64 -4.08 -26.70
C ARG E 94 7.54 -4.02 -27.92
N ARG E 95 7.63 -2.84 -28.53
CA ARG E 95 8.43 -2.66 -29.75
C ARG E 95 9.92 -2.51 -29.47
N ILE E 96 10.28 -1.82 -28.40
CA ILE E 96 11.70 -1.69 -28.01
C ILE E 96 12.27 -3.05 -27.59
N SER E 97 11.46 -3.86 -26.92
CA SER E 97 11.84 -5.22 -26.50
C SER E 97 12.25 -6.13 -27.66
N LYS E 98 11.66 -5.94 -28.83
CA LYS E 98 11.98 -6.75 -30.01
C LYS E 98 13.38 -6.48 -30.58
N GLN E 99 13.78 -5.21 -30.61
CA GLN E 99 15.04 -4.82 -31.27
C GLN E 99 16.25 -5.08 -30.36
N SER E 100 16.10 -4.79 -29.07
CA SER E 100 17.16 -5.05 -28.08
C SER E 100 17.25 -6.54 -27.75
N ALA F 4 23.28 -30.45 12.76
CA ALA F 4 23.82 -30.82 11.41
C ALA F 4 24.55 -29.64 10.75
N PRO F 5 25.67 -29.91 10.05
CA PRO F 5 26.46 -28.82 9.47
C PRO F 5 25.82 -28.14 8.26
N SER F 6 25.99 -26.83 8.20
CA SER F 6 25.48 -26.02 7.09
C SER F 6 26.18 -24.67 7.11
N VAL F 7 26.07 -23.93 6.01
CA VAL F 7 26.60 -22.57 5.97
C VAL F 7 26.02 -21.70 7.10
N LEU F 8 24.70 -21.77 7.30
CA LEU F 8 24.05 -20.95 8.34
C LEU F 8 24.53 -21.28 9.75
N GLU F 9 24.65 -22.57 10.04
CA GLU F 9 25.28 -23.04 11.28
C GLU F 9 26.71 -22.49 11.42
N SER F 10 27.48 -22.54 10.34
CA SER F 10 28.86 -22.04 10.36
C SER F 10 28.98 -20.52 10.57
N VAL F 11 27.99 -19.74 10.09
CA VAL F 11 28.01 -18.27 10.24
C VAL F 11 27.05 -17.74 11.31
N LYS F 12 26.59 -18.59 12.23
CA LYS F 12 25.49 -18.24 13.13
C LYS F 12 25.80 -17.09 14.12
N GLU F 13 27.07 -16.85 14.39
CA GLU F 13 27.50 -15.73 15.26
C GLU F 13 27.13 -14.36 14.69
N LYS F 14 26.97 -14.26 13.37
CA LYS F 14 26.43 -13.04 12.74
C LYS F 14 25.04 -12.65 13.24
N PHE F 15 24.27 -13.64 13.68
CA PHE F 15 22.88 -13.44 14.09
C PHE F 15 22.69 -13.51 15.60
N SER F 16 23.78 -13.48 16.35
CA SER F 16 23.73 -13.60 17.81
C SER F 16 23.12 -12.35 18.46
N PHE F 17 22.54 -12.56 19.63
CA PHE F 17 21.88 -11.50 20.37
C PHE F 17 22.86 -10.43 20.90
N GLU F 18 24.02 -10.86 21.38
CA GLU F 18 25.00 -9.98 22.08
C GLU F 18 25.32 -8.62 21.39
N PRO F 19 25.73 -8.63 20.10
CA PRO F 19 26.01 -7.34 19.45
C PRO F 19 24.81 -6.41 19.27
N LYS F 20 23.59 -6.93 19.36
CA LYS F 20 22.38 -6.12 19.21
C LYS F 20 22.10 -5.20 20.40
N ILE F 21 22.62 -5.55 21.59
CA ILE F 21 22.29 -4.83 22.83
C ILE F 21 23.54 -4.23 23.49
N ARG F 22 23.37 -3.09 24.17
CA ARG F 22 24.49 -2.35 24.77
C ARG F 22 24.88 -2.91 26.15
#